data_5TFW
#
_entry.id   5TFW
#
_cell.length_a   213.490
_cell.length_b   63.410
_cell.length_c   53.870
_cell.angle_alpha   90.00
_cell.angle_beta   95.79
_cell.angle_gamma   90.00
#
_symmetry.space_group_name_H-M   'C 1 2 1'
#
loop_
_entity.id
_entity.type
_entity.pdbx_description
1 polymer 'Antibody 10E8 FAB HEAVY CHAIN'
2 polymer 'Antibody 10E8 FAB LIGHT CHAIN MUTANT2'
3 polymer '10E8 EPITOPE SCAFFOLD T117V2'
4 non-polymer DI(HYDROXYETHYL)ETHER
5 non-polymer 1,2-ETHANEDIOL
6 water water
#
loop_
_entity_poly.entity_id
_entity_poly.type
_entity_poly.pdbx_seq_one_letter_code
_entity_poly.pdbx_strand_id
1 'polypeptide(L)'
;EVQLVESGGGLVKPGGSLRLSCSASGFDFDNAWMTWVRQPPGKGLEWVGRITGPGEGWSVDYAAPVEGRFTISRLNSINF
LYLEMNNLRMEDSGLYFCARTGKYYDFWSGYPPGEEYFQDWGRGTLVTVSSASTKGPSVFPLAPSSKSTSGGTAALGCLV
KDYFPEPVTVSWNSGALTSGVHTFPAVLQSSGLYSLSSVVTVPSSSLGTQTYICNVNHKPSNTKVDKRVEPKSCDK
;
H
2 'polypeptide(L)'
;SYELTQETGVSVALGDTVTITCEGDSLESHYASWYQKKPGQAPILLFYGKNNRPSGVPDRFSGSASGNEASLTISGAQAE
DDAEYYCSSRDKSGSRLSVFGGGTKLTVLSQPKAAPSVTLFPPSSEELQANKATLVCLISDFYPGAVTVAWKADSSPVKA
GVETTTPSKQSNNKYAASSYLSLTPEQWKSHRSYSCQVTHEGSTVEKTVAPTECS
;
L
3 'polypeptide(L)'
;NAMQGIHFRRHYVRHLPKEVSQNDIIKALASPLINDGMVVSDFADHVITREQNFPTGLPVEPVGVAIPHTDSKYVRQNAI
SVGILAEPVNFEDAGGEPDPVPVRVVFMLALGNWFDITNVLWWIKAVIQDEDFMQQLLVMNDDEIYQSIYTRISELEHHH
HHH
;
O
#
loop_
_chem_comp.id
_chem_comp.type
_chem_comp.name
_chem_comp.formula
EDO non-polymer 1,2-ETHANEDIOL 'C2 H6 O2'
PEG non-polymer DI(HYDROXYETHYL)ETHER 'C4 H10 O3'
#
# COMPACT_ATOMS: atom_id res chain seq x y z
N GLU A 1 13.79 11.33 -13.15
CA GLU A 1 12.55 10.98 -12.47
C GLU A 1 12.27 9.48 -12.52
N VAL A 2 11.90 8.90 -11.39
CA VAL A 2 11.47 7.51 -11.32
C VAL A 2 10.08 7.37 -11.93
N GLN A 3 9.89 6.34 -12.77
CA GLN A 3 8.60 6.01 -13.32
C GLN A 3 8.41 4.51 -13.27
N LEU A 4 7.26 4.09 -12.75
CA LEU A 4 6.81 2.70 -12.75
C LEU A 4 5.45 2.67 -13.40
N VAL A 5 5.28 1.83 -14.42
CA VAL A 5 4.06 1.83 -15.24
C VAL A 5 3.59 0.38 -15.40
N GLU A 6 2.49 0.04 -14.72
CA GLU A 6 1.90 -1.29 -14.80
C GLU A 6 0.96 -1.42 -16.00
N SER A 7 0.85 -2.64 -16.52
CA SER A 7 -0.05 -2.95 -17.63
C SER A 7 -0.47 -4.41 -17.53
N GLY A 8 -1.44 -4.77 -18.37
CA GLY A 8 -1.87 -6.15 -18.50
C GLY A 8 -3.12 -6.49 -17.73
N GLY A 9 -3.56 -5.61 -16.83
CA GLY A 9 -4.78 -5.87 -16.09
C GLY A 9 -5.97 -5.99 -17.02
N GLY A 10 -6.99 -6.71 -16.56
CA GLY A 10 -8.18 -6.87 -17.36
C GLY A 10 -9.15 -7.84 -16.70
N LEU A 11 -10.14 -8.22 -17.48
CA LEU A 11 -11.17 -9.16 -17.06
C LEU A 11 -10.72 -10.59 -17.37
N VAL A 12 -10.97 -11.49 -16.43
CA VAL A 12 -10.58 -12.89 -16.57
C VAL A 12 -11.58 -13.72 -15.77
N LYS A 13 -11.88 -14.90 -16.27
CA LYS A 13 -12.84 -15.77 -15.62
C LYS A 13 -12.15 -16.55 -14.50
N PRO A 14 -12.93 -16.97 -13.49
CA PRO A 14 -12.37 -17.85 -12.45
C PRO A 14 -11.69 -19.06 -13.06
N GLY A 15 -10.45 -19.31 -12.63
CA GLY A 15 -9.69 -20.43 -13.12
C GLY A 15 -8.75 -20.12 -14.25
N GLY A 16 -8.84 -18.93 -14.84
CA GLY A 16 -7.98 -18.52 -15.92
C GLY A 16 -6.70 -17.86 -15.44
N SER A 17 -6.00 -17.23 -16.39
CA SER A 17 -4.66 -16.74 -16.17
C SER A 17 -4.53 -15.34 -16.75
N LEU A 18 -3.56 -14.60 -16.22
CA LEU A 18 -3.29 -13.23 -16.63
C LEU A 18 -1.82 -12.95 -16.35
N ARG A 19 -1.22 -12.09 -17.15
CA ARG A 19 0.16 -11.70 -16.97
C ARG A 19 0.25 -10.18 -16.89
N LEU A 20 0.71 -9.68 -15.75
CA LEU A 20 0.92 -8.26 -15.53
C LEU A 20 2.35 -7.87 -15.86
N SER A 21 2.51 -6.67 -16.39
CA SER A 21 3.82 -6.12 -16.74
C SER A 21 4.03 -4.83 -15.98
N CYS A 22 5.28 -4.54 -15.67
CA CYS A 22 5.64 -3.28 -15.04
C CYS A 22 6.91 -2.77 -15.71
N SER A 23 6.79 -1.64 -16.40
CA SER A 23 7.90 -0.96 -17.04
C SER A 23 8.54 0.05 -16.08
N ALA A 24 9.86 -0.03 -15.91
CA ALA A 24 10.57 0.80 -14.94
C ALA A 24 11.60 1.69 -15.61
N SER A 25 11.70 2.93 -15.14
CA SER A 25 12.73 3.82 -15.65
C SER A 25 13.12 4.82 -14.56
N GLY A 26 14.25 5.48 -14.77
CA GLY A 26 14.76 6.47 -13.84
C GLY A 26 15.49 5.93 -12.62
N PHE A 27 15.86 4.66 -12.60
CA PHE A 27 16.70 4.16 -11.51
C PHE A 27 17.41 2.89 -11.95
N ASP A 28 18.32 2.41 -11.09
CA ASP A 28 19.14 1.22 -11.37
C ASP A 28 18.27 -0.01 -11.18
N PHE A 29 17.51 -0.34 -12.22
CA PHE A 29 16.57 -1.45 -12.15
C PHE A 29 17.29 -2.77 -11.97
N ASP A 30 18.38 -2.99 -12.73
CA ASP A 30 19.12 -4.25 -12.69
C ASP A 30 19.47 -4.67 -11.27
N ASN A 31 19.74 -3.71 -10.38
CA ASN A 31 20.10 -4.04 -9.01
C ASN A 31 18.96 -3.86 -8.01
N ALA A 32 17.78 -3.45 -8.47
CA ALA A 32 16.66 -3.15 -7.56
C ALA A 32 15.87 -4.40 -7.20
N TRP A 33 15.51 -4.52 -5.93
CA TRP A 33 14.43 -5.41 -5.52
C TRP A 33 13.09 -4.79 -5.93
N MET A 34 12.14 -5.63 -6.33
CA MET A 34 10.84 -5.17 -6.84
C MET A 34 9.73 -6.03 -6.26
N THR A 35 8.67 -5.37 -5.80
CA THR A 35 7.58 -6.01 -5.08
C THR A 35 6.26 -5.75 -5.80
N TRP A 36 5.37 -6.74 -5.77
CA TRP A 36 4.00 -6.59 -6.21
C TRP A 36 3.09 -6.50 -4.99
N VAL A 37 2.16 -5.56 -5.04
CA VAL A 37 1.20 -5.31 -3.98
C VAL A 37 -0.15 -5.17 -4.64
N ARG A 38 -1.20 -5.70 -4.01
CA ARG A 38 -2.54 -5.57 -4.57
C ARG A 38 -3.49 -4.97 -3.55
N GLN A 39 -4.54 -4.31 -4.06
CA GLN A 39 -5.58 -3.74 -3.21
C GLN A 39 -6.94 -4.26 -3.66
N PRO A 40 -7.55 -5.21 -2.94
CA PRO A 40 -8.89 -5.63 -3.27
C PRO A 40 -9.87 -4.47 -3.17
N PRO A 41 -11.01 -4.57 -3.86
CA PRO A 41 -12.02 -3.49 -3.81
C PRO A 41 -12.44 -3.16 -2.38
N GLY A 42 -12.44 -1.87 -2.05
CA GLY A 42 -12.75 -1.40 -0.71
C GLY A 42 -11.86 -1.93 0.41
N LYS A 43 -10.73 -2.55 0.09
CA LYS A 43 -9.92 -3.22 1.10
C LYS A 43 -8.53 -2.56 1.20
N GLY A 44 -7.63 -3.17 1.95
CA GLY A 44 -6.32 -2.60 2.19
C GLY A 44 -5.25 -3.14 1.24
N LEU A 45 -4.05 -2.55 1.37
CA LEU A 45 -2.90 -3.05 0.63
C LEU A 45 -2.50 -4.43 1.13
N GLU A 46 -2.23 -5.34 0.20
N GLU A 46 -2.23 -5.34 0.20
CA GLU A 46 -1.83 -6.70 0.50
CA GLU A 46 -1.81 -6.70 0.52
C GLU A 46 -0.53 -7.01 -0.23
C GLU A 46 -0.53 -7.02 -0.22
N TRP A 47 0.49 -7.43 0.53
CA TRP A 47 1.77 -7.80 -0.06
C TRP A 47 1.65 -9.13 -0.82
N VAL A 48 2.03 -9.14 -2.10
CA VAL A 48 1.86 -10.30 -2.97
C VAL A 48 3.17 -11.11 -3.11
N GLY A 49 4.29 -10.44 -3.30
CA GLY A 49 5.57 -11.12 -3.38
C GLY A 49 6.62 -10.16 -3.88
N ARG A 50 7.87 -10.63 -3.84
CA ARG A 50 9.01 -9.76 -4.08
C ARG A 50 10.13 -10.55 -4.75
N ILE A 51 10.71 -9.99 -5.80
CA ILE A 51 11.88 -10.61 -6.43
C ILE A 51 13.13 -9.83 -6.01
N THR A 52 14.21 -10.56 -5.66
CA THR A 52 15.42 -9.93 -5.15
C THR A 52 16.35 -9.56 -6.32
N GLY A 53 17.62 -9.29 -6.04
CA GLY A 53 18.53 -8.81 -7.04
C GLY A 53 19.56 -9.84 -7.48
N PRO A 54 20.61 -9.39 -8.16
CA PRO A 54 21.61 -10.35 -8.66
C PRO A 54 22.37 -11.04 -7.53
N GLY A 55 22.72 -10.31 -6.47
CA GLY A 55 23.44 -10.92 -5.36
C GLY A 55 22.68 -12.05 -4.70
N GLU A 56 21.35 -12.03 -4.79
CA GLU A 56 20.52 -13.09 -4.24
C GLU A 56 20.08 -14.07 -5.31
N GLY A 57 20.62 -13.97 -6.52
CA GLY A 57 20.20 -14.83 -7.61
C GLY A 57 18.74 -14.67 -8.01
N TRP A 58 18.17 -13.47 -7.86
CA TRP A 58 16.78 -13.20 -8.28
C TRP A 58 15.77 -14.13 -7.62
N SER A 59 15.99 -14.48 -6.35
CA SER A 59 15.03 -15.32 -5.63
C SER A 59 13.76 -14.52 -5.32
N VAL A 60 12.70 -15.26 -5.06
CA VAL A 60 11.37 -14.69 -4.95
C VAL A 60 10.72 -15.26 -3.70
N ASP A 61 9.99 -14.42 -2.98
CA ASP A 61 9.12 -14.85 -1.90
C ASP A 61 7.70 -14.40 -2.22
N TYR A 62 6.73 -15.19 -1.80
CA TYR A 62 5.32 -15.06 -2.15
C TYR A 62 4.49 -15.11 -0.88
N ALA A 63 3.40 -14.36 -0.86
CA ALA A 63 2.39 -14.52 0.19
C ALA A 63 1.77 -15.91 0.12
N ALA A 64 1.41 -16.44 1.29
CA ALA A 64 0.84 -17.79 1.38
C ALA A 64 -0.36 -18.05 0.46
N PRO A 65 -1.36 -17.17 0.37
CA PRO A 65 -2.58 -17.53 -0.40
C PRO A 65 -2.37 -17.54 -1.90
N VAL A 66 -1.15 -17.30 -2.37
CA VAL A 66 -0.87 -17.00 -3.75
C VAL A 66 0.27 -17.93 -4.18
N GLU A 67 0.90 -18.56 -3.19
CA GLU A 67 2.03 -19.43 -3.44
C GLU A 67 1.60 -20.62 -4.27
N GLY A 68 2.37 -20.93 -5.32
CA GLY A 68 2.05 -22.00 -6.23
C GLY A 68 1.16 -21.62 -7.38
N ARG A 69 0.50 -20.47 -7.32
CA ARG A 69 -0.30 -20.03 -8.45
C ARG A 69 0.29 -18.83 -9.14
N PHE A 70 1.11 -18.04 -8.46
CA PHE A 70 1.69 -16.81 -8.98
C PHE A 70 3.21 -17.00 -9.19
N THR A 71 3.73 -16.38 -10.24
CA THR A 71 5.17 -16.35 -10.50
C THR A 71 5.53 -14.91 -10.80
N ILE A 72 6.61 -14.45 -10.16
CA ILE A 72 7.21 -13.15 -10.44
C ILE A 72 8.51 -13.40 -11.17
N SER A 73 8.79 -12.60 -12.18
CA SER A 73 10.05 -12.67 -12.87
C SER A 73 10.35 -11.29 -13.44
N ARG A 74 11.54 -11.17 -14.04
CA ARG A 74 12.02 -9.90 -14.55
C ARG A 74 12.84 -10.17 -15.80
N LEU A 75 12.92 -9.14 -16.65
CA LEU A 75 13.75 -9.13 -17.85
C LEU A 75 14.54 -7.82 -17.81
N ASN A 76 15.75 -7.90 -17.27
CA ASN A 76 16.52 -6.70 -16.94
C ASN A 76 16.95 -5.94 -18.18
N SER A 77 17.16 -6.64 -19.29
CA SER A 77 17.60 -6.00 -20.52
C SER A 77 16.58 -4.98 -21.02
N ILE A 78 15.29 -5.14 -20.69
CA ILE A 78 14.31 -4.16 -21.09
C ILE A 78 13.64 -3.47 -19.91
N ASN A 79 14.15 -3.66 -18.70
CA ASN A 79 13.64 -3.00 -17.51
C ASN A 79 12.16 -3.31 -17.29
N PHE A 80 11.81 -4.60 -17.37
CA PHE A 80 10.45 -5.04 -17.10
C PHE A 80 10.41 -6.01 -15.93
N LEU A 81 9.35 -5.87 -15.14
CA LEU A 81 8.96 -6.79 -14.09
C LEU A 81 7.62 -7.42 -14.50
N TYR A 82 7.43 -8.71 -14.19
CA TYR A 82 6.23 -9.43 -14.57
C TYR A 82 5.63 -10.13 -13.37
N LEU A 83 4.32 -10.28 -13.41
CA LEU A 83 3.59 -11.15 -12.48
C LEU A 83 2.66 -12.02 -13.30
N GLU A 84 2.85 -13.33 -13.20
CA GLU A 84 2.06 -14.32 -13.90
C GLU A 84 1.14 -14.97 -12.89
N MET A 85 -0.15 -15.05 -13.20
CA MET A 85 -1.17 -15.47 -12.23
C MET A 85 -2.01 -16.56 -12.88
N ASN A 86 -2.04 -17.74 -12.26
CA ASN A 86 -2.82 -18.88 -12.75
C ASN A 86 -3.88 -19.26 -11.73
N ASN A 87 -4.86 -20.05 -12.19
CA ASN A 87 -6.02 -20.47 -11.39
C ASN A 87 -6.58 -19.31 -10.59
N LEU A 88 -6.85 -18.21 -11.29
CA LEU A 88 -7.30 -16.98 -10.63
C LEU A 88 -8.64 -17.22 -9.94
N ARG A 89 -8.83 -16.55 -8.80
CA ARG A 89 -10.07 -16.60 -8.04
C ARG A 89 -10.66 -15.20 -7.92
N MET A 90 -11.97 -15.14 -7.64
CA MET A 90 -12.62 -13.84 -7.49
C MET A 90 -11.90 -12.95 -6.47
N GLU A 91 -11.41 -13.54 -5.37
CA GLU A 91 -10.69 -12.74 -4.39
C GLU A 91 -9.33 -12.25 -4.87
N ASP A 92 -8.83 -12.70 -6.01
CA ASP A 92 -7.63 -12.08 -6.58
C ASP A 92 -7.94 -10.77 -7.27
N SER A 93 -9.21 -10.39 -7.40
CA SER A 93 -9.58 -9.15 -8.07
C SER A 93 -9.04 -7.97 -7.28
N GLY A 94 -8.58 -6.96 -7.99
CA GLY A 94 -8.19 -5.73 -7.35
C GLY A 94 -7.15 -5.02 -8.17
N LEU A 95 -6.59 -3.98 -7.56
CA LEU A 95 -5.63 -3.12 -8.24
C LEU A 95 -4.24 -3.55 -7.82
N TYR A 96 -3.39 -3.88 -8.80
CA TYR A 96 -2.07 -4.44 -8.58
C TYR A 96 -1.02 -3.38 -8.83
N PHE A 97 -0.19 -3.12 -7.83
CA PHE A 97 0.86 -2.13 -7.88
C PHE A 97 2.25 -2.77 -7.97
N CYS A 98 3.11 -2.08 -8.70
CA CYS A 98 4.54 -2.35 -8.82
C CYS A 98 5.28 -1.42 -7.85
N ALA A 99 6.24 -1.93 -7.05
CA ALA A 99 6.94 -1.05 -6.10
C ALA A 99 8.43 -1.34 -6.03
N ARG A 100 9.24 -0.32 -6.30
CA ARG A 100 10.67 -0.38 -6.03
C ARG A 100 10.93 -0.51 -4.53
N THR A 101 11.70 -1.53 -4.14
CA THR A 101 11.79 -1.99 -2.75
C THR A 101 13.18 -1.72 -2.19
N GLY A 102 13.27 -0.89 -1.10
CA GLY A 102 14.52 -0.70 -0.39
C GLY A 102 14.71 -1.73 0.73
N LYS A 103 15.95 -1.81 1.23
CA LYS A 103 16.31 -2.69 2.32
C LYS A 103 16.88 -1.89 3.50
N TYR A 104 16.51 -2.27 4.72
CA TYR A 104 16.94 -1.54 5.90
C TYR A 104 17.37 -2.52 6.99
N TYR A 105 18.47 -2.20 7.67
CA TYR A 105 18.92 -2.99 8.81
C TYR A 105 19.72 -2.09 9.74
N ASP A 106 19.29 -2.00 10.98
CA ASP A 106 19.98 -1.17 11.97
C ASP A 106 20.93 -2.06 12.76
N PHE A 107 22.23 -1.71 12.76
CA PHE A 107 23.24 -2.59 13.34
C PHE A 107 22.90 -2.98 14.77
N TRP A 108 22.60 -1.99 15.63
CA TRP A 108 22.55 -2.27 17.06
C TRP A 108 21.25 -2.89 17.52
N SER A 109 20.15 -2.65 16.82
CA SER A 109 18.84 -3.10 17.26
C SER A 109 18.13 -3.97 16.22
N GLY A 110 18.73 -4.16 15.03
CA GLY A 110 18.06 -4.92 14.00
C GLY A 110 18.19 -6.42 14.15
N TYR A 111 17.38 -7.12 13.36
CA TYR A 111 17.33 -8.57 13.40
C TYR A 111 17.22 -9.04 11.95
N PRO A 112 18.01 -10.04 11.55
CA PRO A 112 17.97 -10.49 10.16
C PRO A 112 16.61 -11.04 9.75
N PRO A 113 16.19 -10.78 8.52
CA PRO A 113 16.89 -10.02 7.48
C PRO A 113 16.49 -8.54 7.39
N GLY A 114 16.48 -7.82 8.51
CA GLY A 114 16.09 -6.41 8.47
C GLY A 114 14.68 -6.25 7.92
N GLU A 115 14.47 -5.15 7.20
CA GLU A 115 13.14 -4.79 6.72
C GLU A 115 13.20 -4.29 5.29
N GLU A 116 12.10 -4.52 4.56
CA GLU A 116 11.91 -4.00 3.22
C GLU A 116 10.88 -2.87 3.25
N TYR A 117 11.12 -1.83 2.46
CA TYR A 117 10.17 -0.72 2.38
C TYR A 117 9.98 -0.33 0.91
N PHE A 118 8.88 0.37 0.63
CA PHE A 118 8.44 0.57 -0.75
C PHE A 118 8.55 2.05 -1.14
N GLN A 119 9.65 2.38 -1.84
CA GLN A 119 10.07 3.77 -1.97
C GLN A 119 9.55 4.45 -3.22
N ASP A 120 9.15 3.70 -4.25
CA ASP A 120 8.48 4.27 -5.42
C ASP A 120 7.43 3.28 -5.89
N TRP A 121 6.27 3.79 -6.29
CA TRP A 121 5.13 2.96 -6.65
C TRP A 121 4.64 3.35 -8.04
N GLY A 122 4.08 2.38 -8.75
CA GLY A 122 3.29 2.66 -9.92
C GLY A 122 1.88 3.04 -9.56
N ARG A 123 1.09 3.34 -10.59
CA ARG A 123 -0.30 3.74 -10.38
C ARG A 123 -1.26 2.57 -10.33
N GLY A 124 -0.82 1.38 -10.69
CA GLY A 124 -1.62 0.17 -10.60
C GLY A 124 -2.24 -0.23 -11.93
N THR A 125 -2.57 -1.51 -12.03
CA THR A 125 -3.39 -2.05 -13.12
C THR A 125 -4.49 -2.90 -12.50
N LEU A 126 -5.72 -2.79 -13.03
CA LEU A 126 -6.90 -3.39 -12.41
C LEU A 126 -7.11 -4.82 -12.92
N VAL A 127 -7.35 -5.74 -11.99
CA VAL A 127 -7.60 -7.14 -12.29
C VAL A 127 -9.02 -7.44 -11.82
N THR A 128 -9.87 -7.89 -12.73
CA THR A 128 -11.25 -8.24 -12.40
C THR A 128 -11.43 -9.72 -12.72
N VAL A 129 -11.67 -10.52 -11.69
CA VAL A 129 -11.94 -11.95 -11.87
C VAL A 129 -13.41 -12.17 -11.58
N SER A 130 -14.15 -12.65 -12.58
CA SER A 130 -15.60 -12.69 -12.54
C SER A 130 -16.16 -13.57 -13.65
N SER A 131 -17.08 -14.46 -13.32
CA SER A 131 -17.66 -15.33 -14.33
C SER A 131 -18.75 -14.65 -15.15
N ALA A 132 -19.07 -13.38 -14.88
CA ALA A 132 -20.16 -12.71 -15.58
C ALA A 132 -19.81 -12.46 -17.04
N SER A 133 -20.85 -12.26 -17.84
CA SER A 133 -20.71 -11.97 -19.26
C SER A 133 -21.11 -10.53 -19.53
N THR A 134 -20.61 -9.99 -20.64
CA THR A 134 -21.03 -8.65 -21.05
C THR A 134 -22.54 -8.57 -21.17
N LYS A 135 -23.12 -7.49 -20.62
CA LYS A 135 -24.56 -7.27 -20.62
C LYS A 135 -24.80 -5.77 -20.48
N GLY A 136 -25.71 -5.25 -21.29
CA GLY A 136 -26.12 -3.87 -21.19
C GLY A 136 -27.15 -3.67 -20.11
N PRO A 137 -27.28 -2.43 -19.63
CA PRO A 137 -28.22 -2.15 -18.54
C PRO A 137 -29.67 -2.12 -18.99
N SER A 138 -30.56 -2.37 -18.04
CA SER A 138 -31.93 -1.86 -18.09
C SER A 138 -31.93 -0.45 -17.48
N VAL A 139 -32.72 0.44 -18.04
CA VAL A 139 -32.72 1.83 -17.57
C VAL A 139 -34.15 2.20 -17.15
N PHE A 140 -34.32 2.53 -15.86
CA PHE A 140 -35.63 2.86 -15.31
C PHE A 140 -35.67 4.32 -14.87
N PRO A 141 -36.79 5.00 -15.06
CA PRO A 141 -36.86 6.40 -14.64
C PRO A 141 -37.02 6.52 -13.14
N LEU A 142 -36.42 7.57 -12.60
CA LEU A 142 -36.67 7.97 -11.21
C LEU A 142 -37.49 9.25 -11.30
N ALA A 143 -38.80 9.09 -11.24
CA ALA A 143 -39.68 10.22 -11.49
C ALA A 143 -39.58 11.23 -10.36
N PRO A 144 -39.53 12.53 -10.66
CA PRO A 144 -39.71 13.54 -9.62
C PRO A 144 -41.11 13.46 -9.04
N SER A 145 -41.25 13.92 -7.80
CA SER A 145 -42.53 13.90 -7.10
C SER A 145 -42.46 14.94 -5.99
N SER A 146 -43.58 15.12 -5.29
CA SER A 146 -43.58 16.03 -4.15
C SER A 146 -42.65 15.55 -3.04
N LYS A 147 -42.33 14.26 -3.01
CA LYS A 147 -41.42 13.74 -2.00
C LYS A 147 -39.96 14.05 -2.32
N SER A 148 -39.62 14.29 -3.59
CA SER A 148 -38.24 14.58 -3.98
C SER A 148 -38.01 16.08 -4.23
N THR A 149 -38.79 16.94 -3.59
CA THR A 149 -38.68 18.39 -3.74
C THR A 149 -38.47 19.02 -2.37
N SER A 150 -37.30 19.62 -2.16
CA SER A 150 -37.04 20.35 -0.93
C SER A 150 -37.99 21.53 -0.80
N GLY A 151 -37.90 22.46 -1.75
CA GLY A 151 -38.75 23.63 -1.78
C GLY A 151 -38.48 24.42 -3.04
N GLY A 152 -37.23 24.83 -3.23
CA GLY A 152 -36.85 25.57 -4.41
C GLY A 152 -36.51 24.70 -5.61
N THR A 153 -36.14 23.45 -5.37
CA THR A 153 -35.64 22.58 -6.45
C THR A 153 -36.19 21.17 -6.30
N ALA A 154 -36.10 20.41 -7.40
CA ALA A 154 -36.62 19.05 -7.48
C ALA A 154 -35.53 18.08 -7.94
N ALA A 155 -35.70 16.82 -7.59
CA ALA A 155 -34.74 15.77 -7.89
C ALA A 155 -35.39 14.71 -8.77
N LEU A 156 -34.72 14.37 -9.87
CA LEU A 156 -35.14 13.31 -10.78
C LEU A 156 -33.89 12.63 -11.34
N GLY A 157 -34.06 11.41 -11.83
CA GLY A 157 -32.89 10.69 -12.29
C GLY A 157 -33.22 9.47 -13.12
N CYS A 158 -32.17 8.66 -13.35
CA CYS A 158 -32.24 7.41 -14.10
C CYS A 158 -31.57 6.31 -13.31
N LEU A 159 -32.23 5.17 -13.18
CA LEU A 159 -31.67 3.99 -12.52
C LEU A 159 -31.11 3.05 -13.58
N VAL A 160 -29.79 2.83 -13.56
CA VAL A 160 -29.04 2.12 -14.60
C VAL A 160 -28.66 0.75 -14.04
N LYS A 161 -29.46 -0.28 -14.35
CA LYS A 161 -29.48 -1.51 -13.57
C LYS A 161 -28.86 -2.69 -14.33
N ASP A 162 -28.03 -3.47 -13.60
CA ASP A 162 -27.68 -4.86 -13.97
C ASP A 162 -26.82 -4.95 -15.23
N TYR A 163 -25.74 -4.18 -15.27
CA TYR A 163 -24.84 -4.19 -16.42
C TYR A 163 -23.47 -4.73 -16.02
N PHE A 164 -22.65 -5.03 -17.02
CA PHE A 164 -21.31 -5.60 -16.82
C PHE A 164 -20.56 -5.67 -18.15
N PRO A 165 -19.26 -5.31 -18.15
CA PRO A 165 -18.50 -4.77 -17.01
C PRO A 165 -18.66 -3.26 -16.92
N GLU A 166 -17.98 -2.63 -15.97
CA GLU A 166 -17.81 -1.18 -15.97
C GLU A 166 -17.07 -0.80 -17.25
N PRO A 167 -17.22 0.45 -17.73
CA PRO A 167 -18.11 1.45 -17.15
C PRO A 167 -19.29 1.79 -18.04
N VAL A 168 -20.13 2.63 -17.49
CA VAL A 168 -21.24 3.22 -18.21
C VAL A 168 -21.15 4.72 -18.00
N THR A 169 -21.46 5.48 -19.04
CA THR A 169 -21.48 6.93 -18.97
C THR A 169 -22.91 7.41 -19.07
N VAL A 170 -23.24 8.45 -18.31
CA VAL A 170 -24.58 9.00 -18.30
C VAL A 170 -24.47 10.49 -18.54
N SER A 171 -25.18 10.99 -19.54
CA SER A 171 -25.34 12.41 -19.75
C SER A 171 -26.82 12.73 -19.80
N TRP A 172 -27.12 14.01 -19.70
CA TRP A 172 -28.48 14.50 -19.74
C TRP A 172 -28.62 15.49 -20.89
N ASN A 173 -29.71 15.33 -21.65
CA ASN A 173 -30.02 16.23 -22.76
C ASN A 173 -28.86 16.34 -23.72
N SER A 174 -28.19 15.21 -23.95
CA SER A 174 -27.09 15.07 -24.91
C SER A 174 -25.86 15.88 -24.53
N GLY A 175 -25.61 16.05 -23.23
CA GLY A 175 -24.54 16.89 -22.76
C GLY A 175 -24.86 18.36 -22.70
N ALA A 176 -26.14 18.74 -22.77
CA ALA A 176 -26.53 20.14 -22.62
C ALA A 176 -26.83 20.50 -21.17
N LEU A 177 -27.22 19.53 -20.36
CA LEU A 177 -27.52 19.75 -18.95
C LEU A 177 -26.34 19.22 -18.13
N THR A 178 -25.54 20.13 -17.59
CA THR A 178 -24.43 19.77 -16.72
C THR A 178 -24.62 20.23 -15.28
N SER A 179 -25.30 21.37 -15.08
CA SER A 179 -25.46 21.91 -13.74
C SER A 179 -26.43 21.06 -12.93
N GLY A 180 -26.06 20.76 -11.70
CA GLY A 180 -26.91 19.99 -10.80
C GLY A 180 -26.95 18.50 -11.06
N VAL A 181 -26.01 17.96 -11.84
CA VAL A 181 -26.01 16.56 -12.23
C VAL A 181 -25.10 15.78 -11.30
N HIS A 182 -25.59 14.67 -10.76
CA HIS A 182 -24.80 13.84 -9.85
C HIS A 182 -24.97 12.39 -10.23
N THR A 183 -23.94 11.80 -10.85
CA THR A 183 -23.90 10.38 -11.19
C THR A 183 -23.16 9.64 -10.09
N PHE A 184 -23.89 8.81 -9.33
CA PHE A 184 -23.32 8.07 -8.21
C PHE A 184 -22.47 6.89 -8.69
N PRO A 185 -21.37 6.60 -8.01
CA PRO A 185 -20.59 5.41 -8.36
C PRO A 185 -21.41 4.14 -8.27
N ALA A 186 -21.05 3.17 -9.10
CA ALA A 186 -21.82 1.94 -9.19
C ALA A 186 -21.72 1.12 -7.90
N VAL A 187 -22.74 0.32 -7.66
CA VAL A 187 -22.71 -0.73 -6.66
C VAL A 187 -22.53 -2.06 -7.38
N LEU A 188 -21.74 -2.95 -6.80
CA LEU A 188 -21.56 -4.30 -7.33
C LEU A 188 -22.45 -5.24 -6.53
N GLN A 189 -23.37 -5.90 -7.20
CA GLN A 189 -24.29 -6.82 -6.52
C GLN A 189 -23.69 -8.21 -6.46
N SER A 190 -24.21 -9.01 -5.53
CA SER A 190 -23.77 -10.40 -5.40
C SER A 190 -24.01 -11.19 -6.67
N SER A 191 -24.91 -10.72 -7.54
CA SER A 191 -25.12 -11.37 -8.83
C SER A 191 -23.90 -11.30 -9.73
N GLY A 192 -22.99 -10.36 -9.50
CA GLY A 192 -21.88 -10.11 -10.39
C GLY A 192 -22.05 -8.92 -11.29
N LEU A 193 -23.25 -8.31 -11.32
CA LEU A 193 -23.58 -7.20 -12.19
C LEU A 193 -23.55 -5.89 -11.39
N TYR A 194 -23.40 -4.78 -12.12
CA TYR A 194 -23.34 -3.45 -11.53
C TYR A 194 -24.65 -2.70 -11.73
N SER A 195 -24.93 -1.78 -10.81
CA SER A 195 -26.05 -0.82 -10.92
C SER A 195 -25.56 0.53 -10.45
N LEU A 196 -25.98 1.60 -11.13
CA LEU A 196 -25.76 2.94 -10.59
C LEU A 196 -26.99 3.80 -10.86
N SER A 197 -26.93 5.03 -10.33
CA SER A 197 -27.98 6.02 -10.50
C SER A 197 -27.37 7.37 -10.82
N SER A 198 -28.03 8.10 -11.70
CA SER A 198 -27.69 9.49 -11.98
C SER A 198 -28.93 10.32 -11.71
N VAL A 199 -28.80 11.34 -10.85
CA VAL A 199 -29.89 12.24 -10.55
C VAL A 199 -29.45 13.67 -10.86
N VAL A 200 -30.41 14.48 -11.32
CA VAL A 200 -30.17 15.87 -11.62
C VAL A 200 -31.14 16.72 -10.81
N THR A 201 -30.61 17.74 -10.14
CA THR A 201 -31.40 18.67 -9.35
C THR A 201 -31.71 19.89 -10.21
N VAL A 202 -32.99 20.19 -10.39
CA VAL A 202 -33.45 21.17 -11.37
C VAL A 202 -34.44 22.11 -10.69
N PRO A 203 -34.67 23.29 -11.28
CA PRO A 203 -35.64 24.21 -10.67
C PRO A 203 -37.01 23.58 -10.51
N SER A 204 -37.50 23.59 -9.27
CA SER A 204 -38.87 23.14 -9.00
C SER A 204 -39.86 23.80 -9.95
N SER A 205 -39.54 25.02 -10.41
CA SER A 205 -40.39 25.82 -11.28
C SER A 205 -40.14 25.56 -12.76
N SER A 206 -39.71 24.37 -13.14
CA SER A 206 -39.44 24.08 -14.53
C SER A 206 -39.90 22.71 -14.96
N LEU A 207 -40.46 21.91 -14.05
CA LEU A 207 -40.75 20.51 -14.35
C LEU A 207 -41.81 20.35 -15.42
N GLY A 208 -42.69 21.34 -15.59
CA GLY A 208 -43.70 21.23 -16.62
C GLY A 208 -43.20 21.65 -17.99
N THR A 209 -42.23 22.57 -18.03
CA THR A 209 -41.74 23.13 -19.28
C THR A 209 -40.53 22.38 -19.82
N GLN A 210 -39.56 22.04 -18.97
CA GLN A 210 -38.28 21.52 -19.43
C GLN A 210 -38.31 20.01 -19.57
N THR A 211 -37.82 19.52 -20.70
CA THR A 211 -37.64 18.09 -20.93
C THR A 211 -36.38 17.60 -20.24
N TYR A 212 -36.39 16.35 -19.80
CA TYR A 212 -35.21 15.74 -19.19
C TYR A 212 -35.07 14.33 -19.74
N ILE A 213 -34.00 14.11 -20.51
CA ILE A 213 -33.68 12.83 -21.13
C ILE A 213 -32.28 12.45 -20.70
N CYS A 214 -32.15 11.31 -20.03
CA CYS A 214 -30.83 10.79 -19.67
C CYS A 214 -30.34 9.87 -20.78
N ASN A 215 -29.04 9.98 -21.09
CA ASN A 215 -28.45 9.25 -22.21
C ASN A 215 -27.41 8.28 -21.65
N VAL A 216 -27.74 7.00 -21.68
CA VAL A 216 -26.93 5.96 -21.08
C VAL A 216 -26.13 5.29 -22.17
N ASN A 217 -24.82 5.23 -22.00
CA ASN A 217 -23.93 4.63 -22.99
C ASN A 217 -23.11 3.55 -22.30
N HIS A 218 -23.23 2.32 -22.78
CA HIS A 218 -22.44 1.19 -22.27
C HIS A 218 -21.61 0.67 -23.44
N LYS A 219 -20.37 1.20 -23.55
CA LYS A 219 -19.50 0.79 -24.65
C LYS A 219 -19.23 -0.72 -24.67
N PRO A 220 -18.91 -1.39 -23.55
CA PRO A 220 -18.58 -2.82 -23.65
C PRO A 220 -19.64 -3.68 -24.30
N SER A 221 -20.91 -3.29 -24.25
CA SER A 221 -21.97 -4.05 -24.91
C SER A 221 -22.45 -3.40 -26.20
N ASN A 222 -21.94 -2.22 -26.55
CA ASN A 222 -22.38 -1.47 -27.72
C ASN A 222 -23.86 -1.09 -27.60
N THR A 223 -24.24 -0.61 -26.41
CA THR A 223 -25.62 -0.26 -26.09
C THR A 223 -25.69 1.22 -25.73
N LYS A 224 -26.65 1.93 -26.33
CA LYS A 224 -27.03 3.26 -25.91
C LYS A 224 -28.52 3.28 -25.67
N VAL A 225 -28.93 3.97 -24.58
CA VAL A 225 -30.32 4.08 -24.18
C VAL A 225 -30.61 5.55 -23.91
N ASP A 226 -31.72 6.04 -24.44
CA ASP A 226 -32.24 7.37 -24.14
C ASP A 226 -33.57 7.20 -23.41
N LYS A 227 -33.75 7.93 -22.32
CA LYS A 227 -34.87 7.68 -21.43
C LYS A 227 -35.39 9.00 -20.89
N ARG A 228 -36.62 9.35 -21.27
CA ARG A 228 -37.27 10.55 -20.74
C ARG A 228 -37.76 10.28 -19.33
N VAL A 229 -37.42 11.16 -18.40
CA VAL A 229 -37.89 11.10 -17.02
C VAL A 229 -38.85 12.27 -16.80
N GLU A 230 -40.10 11.96 -16.49
CA GLU A 230 -41.09 13.02 -16.26
C GLU A 230 -41.85 12.76 -14.98
N PRO A 231 -42.54 13.78 -14.45
CA PRO A 231 -43.45 13.53 -13.34
C PRO A 231 -44.49 12.51 -13.75
N LYS A 232 -44.94 11.73 -12.78
CA LYS A 232 -45.93 10.68 -13.00
C LYS A 232 -47.32 11.13 -12.55
N SER A 233 -48.35 10.60 -13.21
CA SER A 233 -49.72 10.92 -12.84
C SER A 233 -50.59 9.67 -12.77
N GLU B 3 -1.34 -9.89 10.35
CA GLU B 3 -0.44 -9.99 11.51
C GLU B 3 -0.16 -8.62 12.13
N LEU B 4 -0.36 -7.56 11.35
CA LEU B 4 -0.21 -6.18 11.83
C LEU B 4 -1.60 -5.56 11.94
N THR B 5 -1.95 -5.11 13.14
N THR B 5 -1.95 -5.13 13.15
CA THR B 5 -3.26 -4.57 13.45
CA THR B 5 -3.27 -4.57 13.43
C THR B 5 -3.19 -3.06 13.60
C THR B 5 -3.18 -3.06 13.58
N GLN B 6 -4.07 -2.34 12.91
CA GLN B 6 -4.24 -0.91 13.08
C GLN B 6 -5.69 -0.61 13.43
N GLU B 7 -5.92 0.56 14.01
CA GLU B 7 -7.30 1.01 14.27
C GLU B 7 -7.95 1.41 12.95
N THR B 8 -9.23 1.03 12.81
CA THR B 8 -9.95 1.29 11.56
C THR B 8 -9.90 2.75 11.18
N GLY B 9 -10.25 3.63 12.11
CA GLY B 9 -10.31 5.05 11.83
C GLY B 9 -10.06 5.91 13.06
N VAL B 10 -9.45 7.07 12.81
N VAL B 10 -9.51 7.09 12.83
CA VAL B 10 -9.17 8.10 13.82
CA VAL B 10 -9.29 8.07 13.88
C VAL B 10 -9.63 9.44 13.24
C VAL B 10 -9.52 9.46 13.28
N SER B 11 -10.01 10.36 14.11
CA SER B 11 -10.32 11.74 13.72
C SER B 11 -9.39 12.70 14.44
N VAL B 12 -8.98 13.74 13.74
CA VAL B 12 -8.14 14.79 14.33
C VAL B 12 -8.69 16.15 13.90
N ALA B 13 -8.55 17.14 14.79
CA ALA B 13 -8.83 18.51 14.40
C ALA B 13 -7.63 19.05 13.62
N LEU B 14 -7.93 19.87 12.61
CA LEU B 14 -6.94 20.70 11.96
C LEU B 14 -5.95 21.29 12.95
N GLY B 15 -4.66 21.17 12.65
CA GLY B 15 -3.64 21.76 13.48
C GLY B 15 -3.21 20.98 14.70
N ASP B 16 -3.86 19.88 15.03
CA ASP B 16 -3.48 19.11 16.20
C ASP B 16 -2.44 18.04 15.85
N THR B 17 -2.05 17.30 16.89
CA THR B 17 -1.12 16.20 16.78
C THR B 17 -1.87 14.90 16.97
N VAL B 18 -1.62 13.93 16.11
CA VAL B 18 -2.30 12.65 16.20
C VAL B 18 -1.27 11.54 16.05
N THR B 19 -1.45 10.46 16.81
CA THR B 19 -0.61 9.29 16.66
C THR B 19 -1.45 8.10 16.19
N ILE B 20 -0.95 7.40 15.18
CA ILE B 20 -1.53 6.18 14.61
C ILE B 20 -0.59 5.03 14.92
N THR B 21 -1.15 3.93 15.42
CA THR B 21 -0.30 2.85 15.86
C THR B 21 -0.62 1.57 15.10
N CYS B 22 0.35 0.66 15.17
CA CYS B 22 0.38 -0.61 14.47
C CYS B 22 0.96 -1.60 15.46
N GLU B 23 0.32 -2.76 15.62
CA GLU B 23 0.72 -3.75 16.62
C GLU B 23 0.91 -5.12 15.99
N GLY B 24 1.97 -5.82 16.40
CA GLY B 24 2.24 -7.17 15.92
C GLY B 24 3.51 -7.75 16.54
N ASP B 25 3.54 -9.08 16.66
CA ASP B 25 4.68 -9.74 17.32
C ASP B 25 6.00 -9.37 16.66
N SER B 26 6.02 -9.30 15.34
CA SER B 26 7.25 -9.08 14.59
C SER B 26 7.83 -7.69 14.82
N LEU B 27 7.02 -6.74 15.29
CA LEU B 27 7.53 -5.41 15.60
C LEU B 27 8.46 -5.41 16.81
N GLU B 28 8.41 -6.44 17.63
CA GLU B 28 9.42 -6.58 18.67
C GLU B 28 10.81 -6.80 18.10
N SER B 29 10.92 -7.27 16.84
CA SER B 29 12.23 -7.49 16.24
C SER B 29 12.52 -6.62 15.03
N HIS B 30 11.50 -6.01 14.40
CA HIS B 30 11.67 -5.33 13.13
C HIS B 30 11.01 -3.96 13.17
N TYR B 31 11.58 -3.02 12.43
CA TYR B 31 10.94 -1.72 12.29
C TYR B 31 9.80 -1.77 11.25
N ALA B 32 8.90 -0.80 11.36
CA ALA B 32 7.78 -0.64 10.45
C ALA B 32 8.09 0.46 9.44
N SER B 33 7.53 0.34 8.23
CA SER B 33 7.49 1.51 7.36
C SER B 33 6.04 1.97 7.22
N TRP B 34 5.86 3.23 6.82
CA TRP B 34 4.55 3.88 6.84
C TRP B 34 4.25 4.50 5.48
N TYR B 35 3.01 4.31 5.02
CA TYR B 35 2.56 4.76 3.71
C TYR B 35 1.26 5.55 3.86
N GLN B 36 1.16 6.65 3.12
CA GLN B 36 -0.08 7.36 2.90
C GLN B 36 -0.71 6.92 1.57
N LYS B 37 -2.03 6.73 1.57
CA LYS B 37 -2.72 6.49 0.30
C LYS B 37 -4.05 7.22 0.27
N LYS B 38 -4.32 7.88 -0.86
CA LYS B 38 -5.59 8.51 -1.16
C LYS B 38 -6.23 7.79 -2.33
N PRO B 39 -7.55 7.84 -2.47
CA PRO B 39 -8.20 7.07 -3.53
C PRO B 39 -7.77 7.52 -4.91
N GLY B 40 -7.49 6.54 -5.78
CA GLY B 40 -7.02 6.79 -7.12
C GLY B 40 -5.59 7.29 -7.25
N GLN B 41 -4.79 7.19 -6.19
CA GLN B 41 -3.40 7.65 -6.24
C GLN B 41 -2.48 6.59 -5.68
N ALA B 42 -1.23 6.60 -6.14
CA ALA B 42 -0.24 5.65 -5.64
C ALA B 42 0.10 5.92 -4.17
N PRO B 43 0.40 4.87 -3.40
CA PRO B 43 0.90 5.07 -2.05
C PRO B 43 2.17 5.93 -2.06
N ILE B 44 2.47 6.53 -0.92
CA ILE B 44 3.71 7.30 -0.71
C ILE B 44 4.33 6.84 0.59
N LEU B 45 5.62 6.54 0.55
CA LEU B 45 6.38 6.17 1.74
C LEU B 45 6.58 7.40 2.63
N LEU B 46 6.21 7.29 3.90
CA LEU B 46 6.36 8.42 4.81
C LEU B 46 7.54 8.29 5.75
N PHE B 47 7.90 7.08 6.14
CA PHE B 47 8.84 6.88 7.23
C PHE B 47 9.16 5.40 7.29
N TYR B 48 10.41 5.06 7.62
CA TYR B 48 10.80 3.67 7.77
C TYR B 48 11.96 3.59 8.76
N GLY B 49 12.13 2.40 9.33
CA GLY B 49 13.30 2.16 10.13
C GLY B 49 13.20 2.86 11.48
N LYS B 50 14.35 2.97 12.12
CA LYS B 50 14.39 3.60 13.43
C LYS B 50 14.00 5.06 13.36
N ASN B 51 14.45 5.77 12.31
CA ASN B 51 14.30 7.22 12.29
C ASN B 51 14.53 7.80 10.91
N ASN B 52 14.05 7.12 9.86
CA ASN B 52 14.31 7.53 8.49
C ASN B 52 13.05 8.11 7.88
N ARG B 53 13.10 9.40 7.54
CA ARG B 53 12.06 10.09 6.80
C ARG B 53 12.63 10.34 5.42
N PRO B 54 12.06 9.78 4.36
CA PRO B 54 12.60 10.06 3.03
C PRO B 54 12.50 11.54 2.77
N SER B 55 13.53 12.10 2.16
CA SER B 55 13.51 13.54 1.92
C SER B 55 12.46 13.87 0.88
N GLY B 56 11.81 15.02 1.05
CA GLY B 56 10.60 15.35 0.34
C GLY B 56 9.34 15.10 1.14
N VAL B 57 9.40 14.27 2.16
CA VAL B 57 8.26 14.07 3.05
C VAL B 57 8.26 15.19 4.10
N PRO B 58 7.12 15.86 4.33
CA PRO B 58 7.11 16.99 5.26
C PRO B 58 7.54 16.57 6.65
N ASP B 59 8.26 17.47 7.33
CA ASP B 59 8.83 17.16 8.64
C ASP B 59 7.79 16.90 9.73
N ARG B 60 6.52 17.25 9.50
CA ARG B 60 5.54 16.99 10.55
C ARG B 60 5.23 15.50 10.72
N PHE B 61 5.68 14.64 9.80
CA PHE B 61 5.51 13.20 9.91
C PHE B 61 6.70 12.59 10.65
N SER B 62 6.42 11.74 11.62
CA SER B 62 7.51 11.10 12.34
C SER B 62 7.07 9.72 12.82
N GLY B 63 8.01 8.77 12.82
CA GLY B 63 7.74 7.42 13.28
C GLY B 63 8.51 7.05 14.54
N SER B 64 8.01 6.06 15.28
CA SER B 64 8.66 5.62 16.51
C SER B 64 8.25 4.18 16.75
N ALA B 65 8.84 3.59 17.79
CA ALA B 65 8.68 2.16 18.03
C ALA B 65 8.82 1.87 19.51
N SER B 66 8.00 0.97 20.02
CA SER B 66 8.07 0.60 21.43
C SER B 66 7.43 -0.77 21.58
N GLY B 67 8.23 -1.78 21.93
CA GLY B 67 7.69 -3.11 22.15
C GLY B 67 7.14 -3.68 20.85
N ASN B 68 5.91 -4.21 20.92
CA ASN B 68 5.24 -4.77 19.76
C ASN B 68 4.40 -3.74 19.01
N GLU B 69 4.68 -2.46 19.18
CA GLU B 69 3.94 -1.42 18.49
C GLU B 69 4.89 -0.47 17.76
N ALA B 70 4.40 0.04 16.64
CA ALA B 70 5.02 1.12 15.90
C ALA B 70 3.98 2.21 15.74
N SER B 71 4.45 3.46 15.64
CA SER B 71 3.55 4.60 15.63
C SER B 71 3.97 5.59 14.55
N LEU B 72 2.98 6.22 13.92
CA LEU B 72 3.19 7.38 13.08
C LEU B 72 2.53 8.56 13.76
N THR B 73 3.29 9.64 13.93
CA THR B 73 2.80 10.85 14.56
C THR B 73 2.81 11.94 13.52
N ILE B 74 1.71 12.69 13.41
CA ILE B 74 1.61 13.86 12.55
C ILE B 74 1.44 15.07 13.45
N SER B 75 2.47 15.93 13.51
CA SER B 75 2.47 17.06 14.43
C SER B 75 1.94 18.29 13.71
N GLY B 76 0.69 18.62 13.95
CA GLY B 76 0.05 19.71 13.25
C GLY B 76 -0.63 19.21 12.00
N ALA B 77 -1.68 18.41 12.16
CA ALA B 77 -2.37 17.81 11.03
C ALA B 77 -2.90 18.88 10.08
N GLN B 78 -2.59 18.74 8.80
CA GLN B 78 -3.13 19.62 7.77
C GLN B 78 -4.23 18.90 7.01
N ALA B 79 -5.01 19.69 6.27
CA ALA B 79 -6.13 19.14 5.51
C ALA B 79 -5.66 18.12 4.49
N GLU B 80 -4.45 18.27 3.94
CA GLU B 80 -3.85 17.28 3.02
C GLU B 80 -3.70 15.90 3.66
N ASP B 81 -3.67 15.84 4.98
CA ASP B 81 -3.34 14.59 5.66
C ASP B 81 -4.53 13.66 5.81
N ASP B 82 -5.73 14.14 5.53
CA ASP B 82 -6.90 13.28 5.43
C ASP B 82 -6.63 12.22 4.39
N ALA B 83 -6.52 10.97 4.83
CA ALA B 83 -6.02 9.91 3.96
C ALA B 83 -6.01 8.60 4.72
N GLU B 84 -5.66 7.52 4.03
CA GLU B 84 -5.52 6.22 4.64
C GLU B 84 -4.05 6.00 4.92
N TYR B 85 -3.74 5.38 6.06
CA TYR B 85 -2.35 5.19 6.48
C TYR B 85 -2.08 3.72 6.73
N TYR B 86 -1.03 3.20 6.11
CA TYR B 86 -0.71 1.79 6.21
C TYR B 86 0.66 1.62 6.84
N CYS B 87 0.76 0.65 7.75
N CYS B 87 0.76 0.61 7.65
CA CYS B 87 2.05 0.19 8.24
CA CYS B 87 2.03 0.19 8.18
C CYS B 87 2.44 -1.07 7.49
C CYS B 87 2.43 -1.13 7.56
N SER B 88 3.74 -1.38 7.53
CA SER B 88 4.28 -2.57 6.88
C SER B 88 5.54 -3.02 7.60
N SER B 89 5.67 -4.34 7.76
CA SER B 89 6.90 -4.93 8.33
C SER B 89 6.96 -6.39 7.92
N ARG B 90 7.88 -7.12 8.54
CA ARG B 90 7.89 -8.57 8.45
C ARG B 90 6.61 -9.13 9.05
N ASP B 91 6.11 -10.21 8.46
CA ASP B 91 4.94 -10.85 9.04
C ASP B 91 5.30 -11.58 10.33
N LYS B 92 6.53 -12.10 10.41
CA LYS B 92 7.07 -12.81 11.55
C LYS B 92 8.54 -12.45 11.70
N SER B 93 9.04 -12.46 12.93
CA SER B 93 10.46 -12.20 13.16
C SER B 93 11.33 -13.13 12.31
N GLY B 94 12.30 -12.54 11.62
CA GLY B 94 13.22 -13.35 10.84
C GLY B 94 12.66 -13.83 9.51
N SER B 95 11.45 -13.42 9.14
CA SER B 95 10.83 -13.84 7.90
C SER B 95 11.36 -13.04 6.72
N ARG B 96 11.41 -13.71 5.55
N ARG B 96 11.41 -13.70 5.56
CA ARG B 96 11.67 -13.03 4.29
CA ARG B 96 11.68 -13.03 4.30
C ARG B 96 10.41 -12.43 3.68
C ARG B 96 10.41 -12.49 3.64
N LEU B 97 9.24 -12.76 4.20
CA LEU B 97 8.00 -12.17 3.71
C LEU B 97 7.76 -10.83 4.40
N SER B 98 6.85 -10.05 3.82
CA SER B 98 6.38 -8.79 4.39
C SER B 98 4.86 -8.81 4.47
N VAL B 99 4.30 -7.81 5.14
CA VAL B 99 2.86 -7.74 5.37
C VAL B 99 2.49 -6.29 5.68
N PHE B 100 1.26 -5.92 5.35
CA PHE B 100 0.73 -4.61 5.73
C PHE B 100 -0.30 -4.76 6.84
N GLY B 101 -0.44 -3.71 7.63
CA GLY B 101 -1.63 -3.58 8.44
C GLY B 101 -2.85 -3.23 7.60
N GLY B 102 -4.03 -3.37 8.21
CA GLY B 102 -5.28 -3.18 7.50
C GLY B 102 -5.57 -1.74 7.10
N GLY B 103 -4.76 -0.79 7.58
CA GLY B 103 -4.96 0.60 7.23
C GLY B 103 -5.85 1.35 8.22
N THR B 104 -5.48 2.59 8.48
CA THR B 104 -6.23 3.49 9.34
C THR B 104 -6.68 4.65 8.47
N LYS B 105 -7.97 4.96 8.50
CA LYS B 105 -8.48 6.14 7.83
C LYS B 105 -8.38 7.32 8.80
N LEU B 106 -7.58 8.31 8.44
CA LEU B 106 -7.43 9.53 9.23
C LEU B 106 -8.35 10.60 8.67
N THR B 107 -9.32 11.04 9.47
CA THR B 107 -10.16 12.17 9.13
C THR B 107 -9.60 13.41 9.79
N VAL B 108 -9.22 14.39 8.98
CA VAL B 108 -8.82 15.71 9.46
C VAL B 108 -10.00 16.64 9.23
N LEU B 109 -10.65 17.07 10.31
CA LEU B 109 -11.82 17.92 10.21
C LEU B 109 -11.44 19.32 9.75
N SER B 110 -11.49 19.57 8.45
CA SER B 110 -11.15 20.87 7.90
C SER B 110 -12.38 21.61 7.37
N GLN B 111 -13.57 21.16 7.73
CA GLN B 111 -14.78 21.74 7.17
C GLN B 111 -15.90 21.63 8.20
N PRO B 112 -16.90 22.52 8.16
CA PRO B 112 -18.05 22.36 9.05
C PRO B 112 -18.78 21.06 8.75
N LYS B 113 -19.25 20.41 9.81
CA LYS B 113 -20.09 19.23 9.65
C LYS B 113 -21.33 19.56 8.83
N ALA B 114 -21.67 18.69 7.89
CA ALA B 114 -22.87 18.90 7.06
C ALA B 114 -23.70 17.63 7.05
N ALA B 115 -24.98 17.77 7.41
CA ALA B 115 -25.89 16.64 7.43
C ALA B 115 -26.20 16.19 6.00
N PRO B 116 -26.42 14.90 5.79
CA PRO B 116 -26.69 14.42 4.43
C PRO B 116 -28.07 14.82 3.95
N SER B 117 -28.14 15.19 2.67
CA SER B 117 -29.42 15.22 1.97
C SER B 117 -29.77 13.82 1.53
N VAL B 118 -30.97 13.36 1.89
CA VAL B 118 -31.42 12.02 1.55
C VAL B 118 -32.59 12.14 0.59
N THR B 119 -32.51 11.40 -0.51
CA THR B 119 -33.63 11.27 -1.44
C THR B 119 -33.91 9.79 -1.63
N LEU B 120 -35.17 9.40 -1.45
CA LEU B 120 -35.57 8.00 -1.53
C LEU B 120 -36.58 7.84 -2.66
N PHE B 121 -36.19 7.07 -3.74
CA PHE B 121 -37.12 6.79 -4.83
C PHE B 121 -37.74 5.40 -4.68
N PRO B 122 -39.04 5.30 -4.90
CA PRO B 122 -39.71 4.00 -4.88
C PRO B 122 -39.47 3.26 -6.19
N PRO B 123 -39.84 1.98 -6.27
CA PRO B 123 -39.77 1.29 -7.56
C PRO B 123 -40.60 2.03 -8.60
N SER B 124 -40.09 2.09 -9.81
CA SER B 124 -40.86 2.65 -10.90
C SER B 124 -41.87 1.62 -11.39
N SER B 125 -42.95 2.09 -12.01
CA SER B 125 -43.91 1.14 -12.55
C SER B 125 -43.30 0.32 -13.67
N GLU B 126 -42.38 0.93 -14.43
CA GLU B 126 -41.66 0.18 -15.45
C GLU B 126 -40.96 -1.05 -14.86
N GLU B 127 -40.27 -0.85 -13.73
CA GLU B 127 -39.53 -1.95 -13.13
C GLU B 127 -40.47 -2.96 -12.50
N LEU B 128 -41.58 -2.49 -11.92
CA LEU B 128 -42.60 -3.40 -11.41
C LEU B 128 -43.12 -4.31 -12.51
N GLN B 129 -43.18 -3.81 -13.75
CA GLN B 129 -43.67 -4.65 -14.85
C GLN B 129 -42.68 -5.75 -15.20
N ALA B 130 -41.37 -5.49 -15.10
CA ALA B 130 -40.43 -6.59 -14.97
C ALA B 130 -40.60 -7.18 -13.58
N ASN B 131 -40.26 -8.45 -13.41
CA ASN B 131 -40.60 -9.02 -12.12
C ASN B 131 -39.59 -8.62 -11.03
N LYS B 132 -39.29 -7.33 -10.87
CA LYS B 132 -38.25 -6.85 -9.95
C LYS B 132 -38.67 -5.51 -9.33
N ALA B 133 -37.97 -5.10 -8.25
CA ALA B 133 -38.31 -3.85 -7.58
C ALA B 133 -37.12 -3.34 -6.77
N THR B 134 -36.75 -2.07 -6.98
CA THR B 134 -35.54 -1.48 -6.41
C THR B 134 -35.90 -0.16 -5.72
N LEU B 135 -35.60 -0.08 -4.42
CA LEU B 135 -35.61 1.17 -3.67
C LEU B 135 -34.23 1.81 -3.80
N VAL B 136 -34.21 3.12 -4.09
CA VAL B 136 -32.97 3.85 -4.36
C VAL B 136 -32.88 5.01 -3.37
N CYS B 137 -31.89 4.94 -2.49
CA CYS B 137 -31.68 5.94 -1.45
C CYS B 137 -30.38 6.66 -1.76
N LEU B 138 -30.47 7.93 -2.12
CA LEU B 138 -29.30 8.71 -2.52
C LEU B 138 -28.95 9.69 -1.42
N ILE B 139 -27.69 9.66 -0.99
CA ILE B 139 -27.21 10.39 0.18
C ILE B 139 -26.10 11.31 -0.29
N SER B 140 -26.28 12.62 -0.07
N SER B 140 -26.29 12.61 -0.08
CA SER B 140 -25.44 13.61 -0.71
CA SER B 140 -25.39 13.58 -0.70
C SER B 140 -25.03 14.71 0.28
C SER B 140 -25.02 14.70 0.28
N ASP B 141 -23.89 15.34 -0.02
CA ASP B 141 -23.47 16.60 0.64
C ASP B 141 -23.28 16.47 2.16
N PHE B 142 -22.76 15.35 2.62
CA PHE B 142 -22.52 15.24 4.05
C PHE B 142 -21.03 15.40 4.35
N TYR B 143 -20.75 15.77 5.60
CA TYR B 143 -19.37 15.89 6.07
C TYR B 143 -19.33 15.74 7.60
N PRO B 144 -18.36 14.97 8.12
CA PRO B 144 -17.39 14.17 7.37
C PRO B 144 -18.00 12.98 6.62
N GLY B 145 -17.15 12.25 5.91
CA GLY B 145 -17.56 11.26 4.94
C GLY B 145 -17.81 9.87 5.46
N ALA B 146 -18.62 9.73 6.51
CA ALA B 146 -19.04 8.42 6.96
C ALA B 146 -20.51 8.47 7.35
N VAL B 147 -21.32 7.57 6.76
CA VAL B 147 -22.71 7.38 7.14
C VAL B 147 -22.96 5.89 7.32
N THR B 148 -23.95 5.58 8.14
CA THR B 148 -24.52 4.25 8.15
C THR B 148 -25.98 4.34 7.73
N VAL B 149 -26.44 3.28 7.06
CA VAL B 149 -27.76 3.25 6.44
C VAL B 149 -28.49 2.01 6.94
N ALA B 150 -29.74 2.19 7.34
CA ALA B 150 -30.61 1.11 7.79
C ALA B 150 -31.94 1.19 7.04
N TRP B 151 -32.48 0.04 6.68
CA TRP B 151 -33.76 0.00 5.96
C TRP B 151 -34.86 -0.58 6.84
N LYS B 152 -36.08 -0.13 6.61
CA LYS B 152 -37.24 -0.56 7.38
C LYS B 152 -38.40 -0.94 6.47
N ALA B 153 -38.97 -2.12 6.71
CA ALA B 153 -40.26 -2.50 6.15
C ALA B 153 -41.32 -2.13 7.18
N ASP B 154 -42.16 -1.15 6.85
CA ASP B 154 -43.02 -0.48 7.82
C ASP B 154 -42.15 0.07 8.94
N SER B 155 -42.13 -0.61 10.08
CA SER B 155 -41.25 -0.26 11.18
C SER B 155 -40.17 -1.29 11.44
N SER B 156 -40.33 -2.50 10.92
CA SER B 156 -39.35 -3.56 11.18
C SER B 156 -38.17 -3.44 10.24
N PRO B 157 -36.95 -3.74 10.69
CA PRO B 157 -35.78 -3.60 9.83
C PRO B 157 -35.61 -4.79 8.91
N VAL B 158 -34.94 -4.54 7.78
CA VAL B 158 -34.70 -5.56 6.75
C VAL B 158 -33.24 -5.50 6.34
N LYS B 159 -32.54 -6.64 6.45
CA LYS B 159 -31.15 -6.74 6.02
C LYS B 159 -30.98 -7.41 4.66
N ALA B 160 -31.99 -8.13 4.18
CA ALA B 160 -31.87 -8.86 2.92
C ALA B 160 -31.98 -7.92 1.73
N GLY B 161 -31.06 -8.07 0.78
CA GLY B 161 -31.17 -7.34 -0.47
C GLY B 161 -30.70 -5.91 -0.43
N VAL B 162 -29.95 -5.52 0.61
CA VAL B 162 -29.42 -4.17 0.76
C VAL B 162 -28.04 -4.13 0.12
N GLU B 163 -27.79 -3.10 -0.68
CA GLU B 163 -26.46 -2.83 -1.22
C GLU B 163 -26.17 -1.35 -1.04
N THR B 164 -25.12 -1.04 -0.29
CA THR B 164 -24.72 0.32 0.03
C THR B 164 -23.31 0.53 -0.48
N THR B 165 -23.08 1.65 -1.18
CA THR B 165 -21.75 1.92 -1.67
C THR B 165 -20.93 2.62 -0.58
N THR B 166 -19.61 2.52 -0.69
CA THR B 166 -18.77 3.31 0.18
C THR B 166 -18.93 4.79 -0.19
N PRO B 167 -18.81 5.69 0.79
CA PRO B 167 -18.93 7.11 0.48
C PRO B 167 -17.81 7.57 -0.43
N SER B 168 -18.12 8.55 -1.29
CA SER B 168 -17.19 9.04 -2.30
C SER B 168 -17.17 10.56 -2.27
N LYS B 169 -15.96 11.12 -2.39
CA LYS B 169 -15.79 12.57 -2.31
C LYS B 169 -16.38 13.24 -3.54
N GLN B 170 -17.29 14.18 -3.35
CA GLN B 170 -17.87 14.94 -4.45
C GLN B 170 -16.91 16.02 -4.91
N SER B 171 -17.31 16.78 -5.93
CA SER B 171 -16.48 17.87 -6.43
C SER B 171 -16.44 19.06 -5.47
N ASN B 172 -17.38 19.19 -4.54
CA ASN B 172 -17.37 20.30 -3.59
C ASN B 172 -16.85 19.89 -2.22
N ASN B 173 -16.08 18.81 -2.13
CA ASN B 173 -15.37 18.32 -0.95
C ASN B 173 -16.26 17.58 0.02
N LYS B 174 -17.58 17.61 -0.15
CA LYS B 174 -18.45 16.79 0.67
C LYS B 174 -18.54 15.38 0.07
N TYR B 175 -19.34 14.53 0.69
CA TYR B 175 -19.36 13.12 0.34
C TYR B 175 -20.76 12.67 -0.10
N ALA B 176 -20.76 11.61 -0.88
CA ALA B 176 -21.98 11.02 -1.43
C ALA B 176 -21.93 9.52 -1.21
N ALA B 177 -23.11 8.94 -1.09
CA ALA B 177 -23.24 7.49 -1.10
C ALA B 177 -24.63 7.14 -1.64
N SER B 178 -24.82 5.87 -1.98
CA SER B 178 -26.14 5.43 -2.41
C SER B 178 -26.41 4.06 -1.82
N SER B 179 -27.68 3.77 -1.52
CA SER B 179 -28.07 2.46 -1.04
C SER B 179 -29.24 1.93 -1.88
N TYR B 180 -29.25 0.61 -2.06
CA TYR B 180 -30.29 -0.05 -2.86
C TYR B 180 -30.90 -1.19 -2.07
N LEU B 181 -32.22 -1.20 -1.98
CA LEU B 181 -32.97 -2.30 -1.39
C LEU B 181 -33.69 -3.02 -2.54
N SER B 182 -33.27 -4.26 -2.81
CA SER B 182 -33.93 -5.08 -3.83
C SER B 182 -34.98 -5.94 -3.17
N LEU B 183 -36.18 -5.96 -3.73
CA LEU B 183 -37.22 -6.81 -3.22
C LEU B 183 -38.15 -7.21 -4.36
N THR B 184 -39.01 -8.14 -4.08
CA THR B 184 -39.94 -8.60 -5.09
C THR B 184 -41.16 -7.67 -5.09
N PRO B 185 -41.87 -7.56 -6.23
CA PRO B 185 -43.02 -6.65 -6.26
C PRO B 185 -44.13 -7.04 -5.31
N GLU B 186 -44.25 -8.32 -4.95
CA GLU B 186 -45.20 -8.70 -3.91
C GLU B 186 -44.79 -8.13 -2.55
N GLN B 187 -43.51 -8.21 -2.22
CA GLN B 187 -43.04 -7.61 -0.96
C GLN B 187 -43.27 -6.10 -0.97
N TRP B 188 -43.06 -5.45 -2.12
CA TRP B 188 -43.21 -4.01 -2.20
C TRP B 188 -44.65 -3.59 -1.97
N LYS B 189 -45.60 -4.20 -2.68
CA LYS B 189 -47.01 -3.89 -2.48
C LYS B 189 -47.55 -4.41 -1.15
N SER B 190 -46.82 -5.31 -0.48
CA SER B 190 -47.29 -5.88 0.78
C SER B 190 -47.38 -4.83 1.89
N HIS B 191 -46.25 -4.22 2.24
CA HIS B 191 -46.19 -3.33 3.39
C HIS B 191 -46.79 -1.97 3.08
N ARG B 192 -47.07 -1.20 4.15
CA ARG B 192 -47.66 0.12 4.00
C ARG B 192 -46.65 1.20 3.61
N SER B 193 -45.38 1.00 3.93
CA SER B 193 -44.31 1.90 3.52
C SER B 193 -42.96 1.24 3.79
N TYR B 194 -41.93 1.75 3.13
CA TYR B 194 -40.54 1.43 3.44
C TYR B 194 -39.83 2.71 3.80
N SER B 195 -38.69 2.58 4.49
CA SER B 195 -37.93 3.73 4.94
C SER B 195 -36.43 3.49 4.81
N CYS B 196 -35.73 4.51 4.33
CA CYS B 196 -34.27 4.59 4.36
C CYS B 196 -33.84 5.50 5.50
N GLN B 197 -33.03 4.96 6.43
CA GLN B 197 -32.57 5.71 7.60
C GLN B 197 -31.06 5.94 7.51
N VAL B 198 -30.65 7.20 7.45
CA VAL B 198 -29.25 7.57 7.32
C VAL B 198 -28.79 8.20 8.63
N THR B 199 -27.87 7.54 9.31
CA THR B 199 -27.31 8.07 10.55
C THR B 199 -25.95 8.69 10.25
N HIS B 200 -25.73 9.89 10.79
CA HIS B 200 -24.52 10.66 10.51
C HIS B 200 -24.22 11.49 11.75
N GLU B 201 -23.12 11.18 12.44
CA GLU B 201 -22.73 11.92 13.65
C GLU B 201 -23.85 11.89 14.70
N GLY B 202 -24.39 10.70 14.93
CA GLY B 202 -25.46 10.51 15.91
C GLY B 202 -26.81 11.08 15.55
N SER B 203 -26.95 11.69 14.37
CA SER B 203 -28.22 12.22 13.89
C SER B 203 -28.76 11.32 12.79
N THR B 204 -29.94 10.77 13.00
CA THR B 204 -30.58 9.88 12.03
C THR B 204 -31.67 10.65 11.29
N VAL B 205 -31.53 10.77 9.98
CA VAL B 205 -32.54 11.36 9.10
C VAL B 205 -33.15 10.24 8.26
N GLU B 206 -34.47 10.27 8.11
CA GLU B 206 -35.23 9.16 7.57
C GLU B 206 -36.16 9.65 6.47
N LYS B 207 -36.11 9.00 5.32
CA LYS B 207 -37.08 9.19 4.25
C LYS B 207 -37.96 7.95 4.12
N THR B 208 -39.15 8.15 3.56
CA THR B 208 -40.18 7.13 3.51
C THR B 208 -40.90 7.19 2.17
N VAL B 209 -41.24 6.03 1.60
CA VAL B 209 -42.04 5.95 0.40
C VAL B 209 -43.11 4.89 0.60
N ALA B 210 -44.22 5.05 -0.08
CA ALA B 210 -45.35 4.14 0.11
C ALA B 210 -45.80 3.55 -1.21
N PRO B 211 -46.27 2.30 -1.20
CA PRO B 211 -46.84 1.70 -2.42
C PRO B 211 -48.15 2.31 -2.84
N THR B 212 -48.68 3.29 -2.10
CA THR B 212 -49.88 4.00 -2.52
C THR B 212 -49.56 4.89 -3.72
N GLU B 213 -48.53 4.50 -4.48
CA GLU B 213 -48.19 4.96 -5.83
C GLU B 213 -47.72 6.41 -5.88
N CYS B 214 -47.14 6.75 -7.02
CA CYS B 214 -46.62 8.06 -7.41
C CYS B 214 -45.66 7.84 -8.58
N SER B 215 -45.51 6.57 -8.99
CA SER B 215 -44.51 6.20 -9.99
C SER B 215 -44.95 5.01 -10.83
N GLY C 5 27.78 -18.90 -0.63
CA GLY C 5 28.33 -18.71 0.70
C GLY C 5 29.36 -17.60 0.73
N ILE C 6 30.16 -17.54 1.79
CA ILE C 6 31.13 -16.47 1.99
C ILE C 6 32.53 -17.06 1.91
N HIS C 7 33.36 -16.45 1.07
CA HIS C 7 34.74 -16.88 0.91
C HIS C 7 35.60 -16.17 1.95
N PHE C 8 36.27 -16.94 2.78
CA PHE C 8 37.22 -16.40 3.76
C PHE C 8 38.45 -17.29 3.71
N ARG C 9 39.57 -16.73 3.25
CA ARG C 9 40.79 -17.49 3.01
C ARG C 9 41.94 -16.95 3.84
N ARG C 10 43.07 -17.67 3.83
CA ARG C 10 44.13 -17.41 4.80
C ARG C 10 44.73 -16.01 4.61
N HIS C 11 44.98 -15.61 3.36
CA HIS C 11 45.53 -14.28 3.14
C HIS C 11 44.46 -13.19 3.22
N TYR C 12 43.24 -13.51 3.63
CA TYR C 12 42.25 -12.49 3.99
C TYR C 12 42.38 -12.05 5.44
N VAL C 13 43.40 -12.54 6.15
CA VAL C 13 43.78 -12.02 7.47
C VAL C 13 45.17 -11.45 7.33
N ARG C 14 45.43 -10.34 8.01
CA ARG C 14 46.80 -9.83 8.10
C ARG C 14 46.89 -8.81 9.23
N HIS C 15 48.03 -8.84 9.91
CA HIS C 15 48.37 -7.78 10.84
C HIS C 15 48.94 -6.58 10.09
N LEU C 16 48.61 -5.38 10.59
CA LEU C 16 49.05 -4.16 9.93
C LEU C 16 49.92 -3.33 10.89
N PRO C 17 50.94 -2.63 10.37
CA PRO C 17 51.93 -1.98 11.24
C PRO C 17 51.42 -0.76 11.99
N LYS C 18 52.35 0.05 12.48
CA LYS C 18 52.06 1.13 13.41
C LYS C 18 51.79 2.47 12.75
N GLU C 19 52.10 2.62 11.46
CA GLU C 19 52.07 3.92 10.78
C GLU C 19 51.14 3.94 9.57
N VAL C 20 50.08 3.16 9.60
CA VAL C 20 49.16 3.08 8.48
C VAL C 20 47.99 4.02 8.69
N SER C 21 47.51 4.62 7.60
CA SER C 21 46.34 5.49 7.63
C SER C 21 45.09 4.71 7.30
N GLN C 22 43.94 5.38 7.43
CA GLN C 22 42.66 4.76 7.11
C GLN C 22 42.66 4.25 5.66
N ASN C 23 43.27 5.01 4.75
CA ASN C 23 43.26 4.60 3.35
C ASN C 23 44.20 3.42 3.11
N ASP C 24 45.32 3.36 3.84
CA ASP C 24 46.21 2.21 3.71
C ASP C 24 45.54 0.93 4.18
N ILE C 25 44.85 1.00 5.32
CA ILE C 25 44.12 -0.16 5.83
C ILE C 25 43.14 -0.68 4.78
N ILE C 26 42.36 0.23 4.19
CA ILE C 26 41.37 -0.18 3.19
C ILE C 26 42.04 -0.89 2.03
N LYS C 27 43.12 -0.29 1.50
CA LYS C 27 43.80 -0.85 0.34
C LYS C 27 44.45 -2.17 0.67
N ALA C 28 45.07 -2.29 1.86
CA ALA C 28 45.70 -3.55 2.23
C ALA C 28 44.65 -4.64 2.35
N LEU C 29 43.58 -4.38 3.08
CA LEU C 29 42.56 -5.39 3.30
C LEU C 29 41.86 -5.78 2.02
N ALA C 30 41.80 -4.87 1.04
CA ALA C 30 41.12 -5.16 -0.21
C ALA C 30 42.02 -5.83 -1.24
N SER C 31 43.32 -5.68 -1.12
CA SER C 31 44.28 -6.25 -2.06
C SER C 31 43.99 -7.71 -2.36
N PRO C 32 43.94 -8.61 -1.37
CA PRO C 32 43.71 -10.02 -1.71
C PRO C 32 42.34 -10.28 -2.32
N LEU C 33 41.32 -9.49 -1.95
CA LEU C 33 40.01 -9.65 -2.55
C LEU C 33 40.04 -9.30 -4.04
N ILE C 34 40.72 -8.20 -4.38
CA ILE C 34 40.93 -7.86 -5.78
C ILE C 34 41.72 -8.97 -6.48
N ASN C 35 42.86 -9.36 -5.89
CA ASN C 35 43.72 -10.36 -6.51
C ASN C 35 42.97 -11.65 -6.81
N ASP C 36 42.08 -12.06 -5.92
CA ASP C 36 41.26 -13.25 -6.13
C ASP C 36 40.03 -12.99 -6.99
N GLY C 37 39.85 -11.77 -7.51
CA GLY C 37 38.65 -11.48 -8.29
C GLY C 37 37.36 -11.58 -7.51
N MET C 38 37.42 -11.40 -6.18
CA MET C 38 36.21 -11.33 -5.37
C MET C 38 35.44 -10.05 -5.60
N VAL C 39 36.12 -8.99 -6.05
CA VAL C 39 35.57 -7.65 -6.14
C VAL C 39 36.15 -7.02 -7.39
N VAL C 40 35.52 -5.92 -7.83
CA VAL C 40 36.00 -5.12 -8.97
C VAL C 40 37.37 -4.53 -8.65
N SER C 41 38.03 -3.98 -9.67
CA SER C 41 39.41 -3.53 -9.51
C SER C 41 39.49 -2.32 -8.57
N ASP C 42 38.62 -1.34 -8.77
CA ASP C 42 38.60 -0.13 -7.93
C ASP C 42 37.79 -0.32 -6.66
N PHE C 43 37.71 -1.55 -6.15
CA PHE C 43 36.87 -1.80 -4.99
C PHE C 43 37.33 -1.01 -3.77
N ALA C 44 38.64 -0.90 -3.56
CA ALA C 44 39.16 -0.15 -2.42
C ALA C 44 38.73 1.31 -2.48
N ASP C 45 38.73 1.89 -3.68
CA ASP C 45 38.41 3.30 -3.82
C ASP C 45 36.95 3.58 -3.44
N HIS C 46 36.05 2.66 -3.78
CA HIS C 46 34.65 2.83 -3.40
C HIS C 46 34.44 2.62 -1.90
N VAL C 47 35.29 1.82 -1.26
CA VAL C 47 35.19 1.66 0.18
C VAL C 47 35.64 2.93 0.88
N ILE C 48 36.67 3.59 0.35
CA ILE C 48 37.12 4.86 0.90
C ILE C 48 36.05 5.93 0.70
N THR C 49 35.48 6.00 -0.50
CA THR C 49 34.39 6.93 -0.78
C THR C 49 33.22 6.69 0.18
N ARG C 50 32.80 5.43 0.32
CA ARG C 50 31.68 5.13 1.20
C ARG C 50 32.03 5.43 2.65
N GLU C 51 33.28 5.20 3.04
CA GLU C 51 33.68 5.47 4.43
C GLU C 51 33.69 6.97 4.72
N GLN C 52 34.17 7.78 3.77
CA GLN C 52 34.20 9.22 3.99
C GLN C 52 32.81 9.78 4.21
N ASN C 53 31.78 9.11 3.69
CA ASN C 53 30.40 9.58 3.77
C ASN C 53 29.57 8.89 4.83
N PHE C 54 29.81 7.60 5.08
CA PHE C 54 29.07 6.83 6.07
C PHE C 54 30.08 6.05 6.92
N PRO C 55 30.62 6.67 7.97
CA PRO C 55 31.67 6.01 8.74
C PRO C 55 31.16 4.79 9.48
N THR C 56 32.08 3.87 9.77
CA THR C 56 31.74 2.58 10.35
C THR C 56 32.54 2.31 11.62
N GLY C 57 32.86 3.36 12.38
CA GLY C 57 33.52 3.19 13.66
C GLY C 57 32.58 2.73 14.75
N LEU C 58 32.92 1.62 15.40
CA LEU C 58 32.17 1.12 16.53
C LEU C 58 32.98 1.32 17.81
N PRO C 59 32.61 2.22 18.70
CA PRO C 59 33.36 2.48 19.93
C PRO C 59 33.04 1.50 21.06
N VAL C 60 33.13 0.21 20.77
CA VAL C 60 32.86 -0.80 21.77
C VAL C 60 34.10 -1.04 22.62
N GLU C 61 33.87 -1.58 23.81
CA GLU C 61 34.96 -1.95 24.71
C GLU C 61 35.18 -3.46 24.64
N PRO C 62 36.44 -3.90 24.84
CA PRO C 62 37.63 -3.10 25.17
C PRO C 62 38.37 -2.56 23.94
N VAL C 63 38.06 -3.09 22.77
CA VAL C 63 38.79 -2.79 21.54
C VAL C 63 37.84 -2.17 20.55
N GLY C 64 38.24 -1.04 19.97
CA GLY C 64 37.42 -0.42 18.93
C GLY C 64 37.45 -1.24 17.64
N VAL C 65 36.32 -1.25 16.94
CA VAL C 65 36.08 -2.08 15.77
C VAL C 65 35.56 -1.20 14.64
N ALA C 66 35.90 -1.57 13.39
CA ALA C 66 35.36 -0.90 12.22
C ALA C 66 34.86 -1.91 11.21
N ILE C 67 33.79 -1.56 10.52
CA ILE C 67 33.19 -2.44 9.51
C ILE C 67 33.13 -1.74 8.16
N PRO C 68 34.25 -1.46 7.50
CA PRO C 68 34.20 -0.75 6.22
C PRO C 68 33.62 -1.61 5.11
N HIS C 69 32.91 -0.96 4.20
CA HIS C 69 32.21 -1.66 3.13
C HIS C 69 31.84 -0.67 2.04
N THR C 70 31.30 -1.18 0.94
CA THR C 70 30.78 -0.32 -0.12
C THR C 70 29.46 -0.93 -0.59
N ASP C 71 29.08 -0.62 -1.83
CA ASP C 71 27.83 -1.14 -2.37
C ASP C 71 28.00 -2.58 -2.87
N SER C 72 26.98 -3.39 -2.63
CA SER C 72 26.98 -4.78 -3.07
C SER C 72 27.20 -4.94 -4.58
N LYS C 73 26.88 -3.92 -5.39
CA LYS C 73 27.05 -4.07 -6.84
C LYS C 73 28.52 -4.12 -7.25
N TYR C 74 29.44 -3.86 -6.32
CA TYR C 74 30.87 -3.89 -6.58
C TYR C 74 31.49 -5.23 -6.19
N VAL C 75 30.67 -6.15 -5.72
CA VAL C 75 31.11 -7.46 -5.26
C VAL C 75 30.85 -8.50 -6.35
N ARG C 76 31.80 -9.40 -6.58
CA ARG C 76 31.62 -10.50 -7.50
C ARG C 76 31.35 -11.83 -6.79
N GLN C 77 31.97 -12.03 -5.63
CA GLN C 77 31.71 -13.17 -4.76
C GLN C 77 31.84 -12.69 -3.32
N ASN C 78 31.00 -13.22 -2.43
CA ASN C 78 31.02 -12.79 -1.03
C ASN C 78 32.38 -13.09 -0.40
N ALA C 79 32.92 -12.12 0.32
CA ALA C 79 34.18 -12.33 1.03
C ALA C 79 34.32 -11.30 2.13
N ILE C 80 35.17 -11.64 3.10
CA ILE C 80 35.50 -10.79 4.24
C ILE C 80 37.01 -10.82 4.42
N SER C 81 37.62 -9.67 4.72
CA SER C 81 39.03 -9.62 5.06
C SER C 81 39.20 -8.90 6.40
N VAL C 82 40.15 -9.38 7.19
CA VAL C 82 40.26 -9.01 8.59
C VAL C 82 41.62 -8.34 8.81
N GLY C 83 41.60 -7.24 9.55
CA GLY C 83 42.81 -6.51 9.86
C GLY C 83 42.98 -6.29 11.35
N ILE C 84 44.17 -6.61 11.87
CA ILE C 84 44.55 -6.32 13.24
C ILE C 84 45.61 -5.22 13.19
N LEU C 85 45.36 -4.13 13.91
CA LEU C 85 46.20 -2.94 13.83
C LEU C 85 47.16 -2.90 15.01
N ALA C 86 48.43 -2.59 14.72
CA ALA C 86 49.44 -2.49 15.76
C ALA C 86 49.07 -1.40 16.77
N GLU C 87 48.96 -0.16 16.30
CA GLU C 87 48.46 0.94 17.11
C GLU C 87 46.99 1.18 16.80
N PRO C 88 46.24 1.78 17.72
CA PRO C 88 44.86 2.16 17.38
C PRO C 88 44.82 3.27 16.35
N VAL C 89 43.92 3.15 15.39
CA VAL C 89 43.70 4.16 14.36
C VAL C 89 42.26 4.65 14.49
N ASN C 90 42.06 5.95 14.26
CA ASN C 90 40.76 6.57 14.49
C ASN C 90 39.86 6.41 13.27
N PHE C 91 38.62 6.00 13.53
CA PHE C 91 37.54 6.03 12.56
C PHE C 91 36.47 6.98 13.05
N GLU C 92 35.80 7.68 12.13
CA GLU C 92 34.66 8.48 12.54
C GLU C 92 33.54 7.56 13.01
N ASP C 93 32.69 8.08 13.89
CA ASP C 93 31.70 7.24 14.56
C ASP C 93 30.53 6.91 13.65
N ALA C 94 30.06 5.67 13.74
CA ALA C 94 28.94 5.25 12.89
C ALA C 94 27.63 5.88 13.34
N GLY C 95 27.47 6.17 14.62
CA GLY C 95 26.24 6.78 15.11
C GLY C 95 26.29 8.29 15.06
N GLY C 96 26.96 8.84 14.05
CA GLY C 96 27.01 10.28 13.84
C GLY C 96 27.68 11.06 14.96
N GLU C 97 28.35 10.36 15.88
CA GLU C 97 29.02 11.03 16.97
C GLU C 97 30.19 11.86 16.47
N PRO C 98 30.47 13.00 17.09
CA PRO C 98 31.60 13.83 16.65
C PRO C 98 32.96 13.28 17.06
N ASP C 99 33.00 12.51 18.15
CA ASP C 99 34.28 12.02 18.65
C ASP C 99 34.78 10.86 17.78
N PRO C 100 36.05 10.88 17.38
CA PRO C 100 36.60 9.73 16.65
C PRO C 100 36.66 8.49 17.54
N VAL C 101 36.77 7.35 16.88
CA VAL C 101 36.76 6.04 17.52
C VAL C 101 38.12 5.39 17.33
N PRO C 102 38.87 5.08 18.39
CA PRO C 102 40.08 4.27 18.21
C PRO C 102 39.69 2.85 17.86
N VAL C 103 40.34 2.29 16.83
CA VAL C 103 39.98 0.98 16.31
C VAL C 103 41.25 0.16 16.15
N ARG C 104 41.23 -1.06 16.69
CA ARG C 104 42.31 -1.99 16.45
C ARG C 104 41.89 -3.23 15.67
N VAL C 105 40.60 -3.48 15.50
CA VAL C 105 40.09 -4.65 14.79
C VAL C 105 39.20 -4.16 13.64
N VAL C 106 39.52 -4.60 12.43
CA VAL C 106 38.80 -4.14 11.23
C VAL C 106 38.22 -5.35 10.51
N PHE C 107 36.90 -5.33 10.25
CA PHE C 107 36.23 -6.28 9.38
C PHE C 107 35.83 -5.57 8.09
N MET C 108 36.57 -5.82 7.02
CA MET C 108 36.15 -5.35 5.69
C MET C 108 35.18 -6.36 5.08
N LEU C 109 34.01 -5.86 4.68
CA LEU C 109 32.93 -6.68 4.15
C LEU C 109 32.81 -6.45 2.65
N ALA C 110 32.75 -7.54 1.91
CA ALA C 110 32.59 -7.52 0.46
C ALA C 110 31.48 -8.54 0.18
N LEU C 111 30.24 -8.14 0.47
CA LEU C 111 29.08 -9.02 0.45
C LEU C 111 28.08 -8.48 -0.58
N GLY C 112 27.64 -9.35 -1.49
CA GLY C 112 26.70 -8.96 -2.51
C GLY C 112 25.28 -9.40 -2.26
N ASN C 113 25.04 -10.13 -1.17
CA ASN C 113 23.77 -10.78 -0.85
C ASN C 113 23.25 -10.14 0.44
N TRP C 114 22.02 -9.60 0.37
CA TRP C 114 21.46 -8.87 1.52
C TRP C 114 21.30 -9.77 2.72
N PHE C 115 20.95 -11.04 2.49
CA PHE C 115 20.77 -11.95 3.60
C PHE C 115 22.10 -12.28 4.27
N ASP C 116 23.20 -12.28 3.50
CA ASP C 116 24.52 -12.44 4.14
C ASP C 116 24.90 -11.18 4.90
N ILE C 117 24.64 -10.01 4.31
CA ILE C 117 24.96 -8.75 4.99
C ILE C 117 24.34 -8.72 6.37
N THR C 118 23.04 -9.05 6.46
CA THR C 118 22.39 -8.94 7.75
C THR C 118 22.82 -10.06 8.68
N ASN C 119 22.98 -11.28 8.16
CA ASN C 119 23.51 -12.36 8.97
C ASN C 119 24.90 -12.01 9.50
N VAL C 120 25.72 -11.34 8.68
CA VAL C 120 27.10 -11.06 9.09
C VAL C 120 27.16 -9.90 10.07
N LEU C 121 26.31 -8.87 9.88
CA LEU C 121 26.28 -7.78 10.85
C LEU C 121 25.78 -8.28 12.20
N TRP C 122 24.75 -9.10 12.18
CA TRP C 122 24.27 -9.71 13.42
C TRP C 122 25.40 -10.46 14.12
N TRP C 123 26.14 -11.28 13.37
CA TRP C 123 27.23 -12.05 13.96
C TRP C 123 28.32 -11.14 14.54
N ILE C 124 28.74 -10.12 13.77
CA ILE C 124 29.76 -9.18 14.26
C ILE C 124 29.30 -8.51 15.55
N LYS C 125 28.01 -8.18 15.63
N LYS C 125 28.02 -8.19 15.64
CA LYS C 125 27.46 -7.57 16.85
CA LYS C 125 27.49 -7.57 16.85
C LYS C 125 27.63 -8.49 18.05
C LYS C 125 27.64 -8.49 18.05
N ALA C 126 27.43 -9.79 17.86
CA ALA C 126 27.66 -10.72 18.96
C ALA C 126 29.15 -10.88 19.24
N VAL C 127 30.00 -10.72 18.23
CA VAL C 127 31.41 -11.00 18.38
C VAL C 127 32.10 -9.90 19.18
N ILE C 128 31.85 -8.64 18.83
CA ILE C 128 32.53 -7.55 19.52
C ILE C 128 32.03 -7.36 20.94
N GLN C 129 30.90 -7.97 21.30
CA GLN C 129 30.42 -7.98 22.67
C GLN C 129 30.97 -9.16 23.46
N ASP C 130 31.79 -9.99 22.83
CA ASP C 130 32.47 -11.08 23.53
C ASP C 130 33.85 -10.54 23.93
N GLU C 131 33.98 -10.06 25.16
CA GLU C 131 35.23 -9.47 25.59
C GLU C 131 36.37 -10.48 25.47
N ASP C 132 36.13 -11.75 25.83
CA ASP C 132 37.16 -12.78 25.73
C ASP C 132 37.66 -12.91 24.30
N PHE C 133 36.74 -13.12 23.36
CA PHE C 133 37.15 -13.39 21.98
C PHE C 133 37.88 -12.20 21.38
N MET C 134 37.44 -10.98 21.70
CA MET C 134 38.15 -9.79 21.22
C MET C 134 39.59 -9.79 21.71
N GLN C 135 39.80 -10.15 22.98
CA GLN C 135 41.16 -10.16 23.51
C GLN C 135 42.02 -11.21 22.83
N GLN C 136 41.42 -12.32 22.38
CA GLN C 136 42.16 -13.30 21.60
C GLN C 136 42.56 -12.75 20.24
N LEU C 137 41.68 -11.96 19.62
CA LEU C 137 42.01 -11.42 18.30
C LEU C 137 43.24 -10.52 18.36
N LEU C 138 43.57 -9.98 19.54
CA LEU C 138 44.75 -9.13 19.69
C LEU C 138 46.01 -9.91 20.00
N VAL C 139 45.95 -11.23 20.19
CA VAL C 139 47.16 -12.01 20.44
C VAL C 139 47.34 -13.18 19.51
N MET C 140 46.30 -13.68 18.84
CA MET C 140 46.48 -14.81 17.96
C MET C 140 47.27 -14.41 16.71
N ASN C 141 48.00 -15.37 16.15
CA ASN C 141 48.66 -15.12 14.88
C ASN C 141 47.65 -15.30 13.75
N ASP C 142 48.09 -15.01 12.52
CA ASP C 142 47.18 -15.03 11.38
C ASP C 142 46.55 -16.40 11.19
N ASP C 143 47.33 -17.47 11.36
CA ASP C 143 46.80 -18.81 11.16
C ASP C 143 45.76 -19.14 12.22
N GLU C 144 45.98 -18.68 13.46
CA GLU C 144 44.99 -18.90 14.51
C GLU C 144 43.72 -18.08 14.25
N ILE C 145 43.88 -16.79 13.93
CA ILE C 145 42.71 -15.95 13.65
C ILE C 145 41.92 -16.52 12.48
N TYR C 146 42.63 -16.84 11.38
CA TYR C 146 41.96 -17.44 10.24
C TYR C 146 41.24 -18.73 10.63
N GLN C 147 41.86 -19.55 11.48
CA GLN C 147 41.19 -20.78 11.88
C GLN C 147 39.96 -20.48 12.71
N SER C 148 40.05 -19.52 13.63
CA SER C 148 38.94 -19.20 14.51
C SER C 148 37.79 -18.52 13.75
N ILE C 149 38.12 -17.50 12.94
CA ILE C 149 37.08 -16.77 12.23
C ILE C 149 36.40 -17.68 11.21
N TYR C 150 37.17 -18.56 10.56
CA TYR C 150 36.64 -19.39 9.48
C TYR C 150 35.55 -20.34 9.99
N THR C 151 35.80 -20.99 11.13
CA THR C 151 34.79 -21.90 11.65
C THR C 151 33.55 -21.14 12.10
N ARG C 152 33.70 -19.87 12.49
CA ARG C 152 32.54 -19.06 12.89
C ARG C 152 31.72 -18.60 11.69
N ILE C 153 32.40 -18.13 10.64
CA ILE C 153 31.72 -17.77 9.40
C ILE C 153 30.91 -18.95 8.88
N SER C 154 31.53 -20.13 8.87
CA SER C 154 30.85 -21.35 8.43
C SER C 154 29.57 -21.61 9.22
N GLU C 155 29.51 -21.13 10.45
CA GLU C 155 28.28 -21.26 11.23
C GLU C 155 27.18 -20.31 10.79
N LEU C 156 27.48 -19.33 9.94
CA LEU C 156 26.49 -18.42 9.40
C LEU C 156 25.82 -18.96 8.14
N GLU C 157 26.63 -19.48 7.20
CA GLU C 157 26.13 -19.99 5.93
C GLU C 157 25.15 -21.14 6.11
N HIS C 158 25.19 -21.80 7.26
CA HIS C 158 24.24 -22.87 7.56
C HIS C 158 23.09 -22.34 8.40
C1 PEG D . -10.04 0.00 4.10
O1 PEG D . -8.67 -0.09 4.31
C2 PEG D . -10.34 1.29 3.36
O2 PEG D . -9.84 1.19 2.01
C3 PEG D . -10.74 1.66 1.01
C4 PEG D . -10.00 1.77 -0.33
O4 PEG D . -10.22 0.61 -1.08
C1 EDO E . -6.61 3.58 0.20
O1 EDO E . -6.88 2.78 1.33
C2 EDO E . -7.53 4.76 0.05
O2 EDO E . -6.95 5.55 -0.96
#